data_2EVG
#
_entry.id   2EVG
#
_cell.length_a   70.432
_cell.length_b   78.781
_cell.length_c   162.671
_cell.angle_alpha   90.00
_cell.angle_beta   90.00
_cell.angle_gamma   90.00
#
_symmetry.space_group_name_H-M   'C 2 2 21'
#
loop_
_entity.id
_entity.type
_entity.pdbx_description
1 polymer "5'-D(*TP*GP*CP*GP*AP*CP*AP*CP*AP*TP*AP*AP*AP*C)-3'"
2 polymer "5'-D(*AP*GP*TP*TP*TP*AP*TP*GP*TP*GP*TP*CP*GP*C)-3'"
3 polymer 'NDT80 protein'
4 water water
#
loop_
_entity_poly.entity_id
_entity_poly.type
_entity_poly.pdbx_seq_one_letter_code
_entity_poly.pdbx_strand_id
1 'polydeoxyribonucleotide' (DT)(DG)(DC)(DG)(DA)(DC)(DA)(DC)(DA)(DT)(DA)(DA)(DA)(DC) B
2 'polydeoxyribonucleotide' (DA)(DG)(DT)(DT)(DT)(DA)(DT)(DG)(DT)(DG)(DT)(DC)(DG)(DC) C
3 'polypeptide(L)'
;GPLGSMNEMENTDPVLQDDLVSKYERELSTEQEEDTPVILTQLNEDGTTSNYFDKRKLKIAPRSTLQFKVGPPFELVRDY
CPVVESHTGRTLDLRIIPRIDRGFDHIDEEWVGYKRNYFTLVSTFETANCDLDTFLKSSFDLLVEDSSVEGRLRVQYFAI
KIKAKNDDDDTEINLVQHTAKRDKGPQFCPSVCPLVPSPLPKHQTIREASNVRNITKMKKYDSTFYLHRDHVNYEEYGVD
SLLFSYPEDSIQKVARYERVQFASSISVKKPSQQNKHFSLHVILGAVVDPDTFHGENPGIPYDELALKNGSKGMFVYLQE
MKTPPLIIRGRSPSNYASSQRITVR
;
A
#
# COMPACT_ATOMS: atom_id res chain seq x y z
N VAL C 38 -6.60 2.12 -30.26
CA VAL C 38 -7.59 2.12 -29.14
C VAL C 38 -7.01 1.50 -27.86
N ILE C 39 -6.24 0.42 -27.99
CA ILE C 39 -5.58 -0.20 -26.83
C ILE C 39 -4.10 -0.09 -27.02
N LEU C 40 -3.41 0.50 -26.04
CA LEU C 40 -1.95 0.63 -26.08
C LEU C 40 -1.32 -0.29 -25.05
N THR C 41 -0.39 -1.10 -25.50
CA THR C 41 0.13 -2.20 -24.70
C THR C 41 1.59 -1.99 -24.34
N GLN C 42 1.89 -2.20 -23.06
CA GLN C 42 3.25 -2.21 -22.49
C GLN C 42 3.50 -3.55 -21.79
N LEU C 43 4.71 -4.09 -21.97
CA LEU C 43 5.14 -5.30 -21.30
C LEU C 43 5.57 -5.01 -19.85
N ASN C 44 4.99 -5.73 -18.89
CA ASN C 44 5.34 -5.61 -17.47
C ASN C 44 6.59 -6.42 -17.21
N GLU C 45 7.13 -6.27 -16.00
CA GLU C 45 8.41 -6.90 -15.62
C GLU C 45 8.35 -8.43 -15.69
N ASP C 46 7.18 -8.99 -15.42
CA ASP C 46 6.98 -10.45 -15.37
C ASP C 46 6.44 -11.04 -16.67
N GLY C 47 6.32 -10.24 -17.71
CA GLY C 47 5.86 -10.73 -19.01
C GLY C 47 4.36 -10.66 -19.26
N THR C 48 3.62 -10.23 -18.24
CA THR C 48 2.23 -9.87 -18.46
C THR C 48 2.23 -8.55 -19.19
N THR C 49 1.04 -8.14 -19.65
CA THR C 49 0.85 -6.85 -20.30
C THR C 49 -0.06 -5.94 -19.49
N SER C 50 0.23 -4.66 -19.61
CA SER C 50 -0.67 -3.61 -19.20
C SER C 50 -1.23 -3.05 -20.49
N ASN C 51 -2.56 -2.97 -20.55
CA ASN C 51 -3.29 -2.55 -21.72
C ASN C 51 -4.11 -1.32 -21.39
N TYR C 52 -3.61 -0.20 -21.83
CA TYR C 52 -4.21 1.08 -21.50
C TYR C 52 -5.26 1.45 -22.53
N PHE C 53 -6.46 1.76 -22.04
CA PHE C 53 -7.56 2.18 -22.92
C PHE C 53 -8.40 3.22 -22.21
N ASP C 54 -9.10 4.01 -23.01
CA ASP C 54 -9.83 5.18 -22.54
C ASP C 54 -11.28 4.75 -22.45
N LYS C 55 -11.85 4.74 -21.25
CA LYS C 55 -13.22 4.27 -21.04
C LYS C 55 -14.28 5.21 -21.65
N ARG C 56 -13.88 6.41 -22.06
CA ARG C 56 -14.73 7.32 -22.83
C ARG C 56 -14.97 6.79 -24.23
N LYS C 57 -14.04 5.96 -24.71
CA LYS C 57 -14.06 5.48 -26.09
C LYS C 57 -14.32 3.97 -26.24
N LEU C 58 -13.95 3.19 -25.24
CA LEU C 58 -14.02 1.74 -25.30
C LEU C 58 -14.49 1.15 -23.96
N LYS C 59 -15.58 0.37 -23.99
CA LYS C 59 -16.07 -0.38 -22.85
C LYS C 59 -15.66 -1.83 -22.95
N ILE C 60 -15.00 -2.28 -21.89
CA ILE C 60 -14.51 -3.63 -21.71
C ILE C 60 -15.23 -4.23 -20.52
N ALA C 61 -15.46 -5.55 -20.57
CA ALA C 61 -16.16 -6.28 -19.52
C ALA C 61 -15.53 -6.05 -18.15
N PRO C 62 -16.33 -6.03 -17.08
CA PRO C 62 -15.80 -5.77 -15.73
C PRO C 62 -14.71 -6.72 -15.23
N ARG C 63 -14.75 -7.98 -15.66
CA ARG C 63 -13.85 -9.01 -15.17
C ARG C 63 -12.80 -9.38 -16.23
N SER C 64 -12.75 -8.65 -17.32
CA SER C 64 -11.68 -8.83 -18.31
C SER C 64 -10.32 -8.62 -17.68
N THR C 65 -9.34 -9.43 -18.08
CA THR C 65 -7.97 -9.24 -17.63
C THR C 65 -7.42 -7.90 -18.10
N LEU C 66 -8.03 -7.30 -19.11
CA LEU C 66 -7.64 -5.94 -19.56
C LEU C 66 -7.88 -4.86 -18.49
N GLN C 67 -8.67 -5.17 -17.45
CA GLN C 67 -8.85 -4.23 -16.33
C GLN C 67 -7.66 -4.23 -15.36
N PHE C 68 -6.83 -5.26 -15.40
CA PHE C 68 -5.61 -5.33 -14.58
C PHE C 68 -4.46 -4.71 -15.36
N LYS C 69 -3.77 -3.76 -14.73
CA LYS C 69 -2.64 -3.11 -15.37
C LYS C 69 -1.82 -2.37 -14.33
N VAL C 70 -0.53 -2.23 -14.60
CA VAL C 70 0.37 -1.50 -13.71
C VAL C 70 0.11 0.01 -13.87
N GLY C 71 0.02 0.69 -12.73
CA GLY C 71 -0.27 2.11 -12.67
C GLY C 71 1.02 2.93 -12.65
N PRO C 72 0.92 4.19 -12.21
CA PRO C 72 2.08 5.06 -12.26
C PRO C 72 3.20 4.61 -11.30
N PRO C 73 4.44 4.86 -11.67
CA PRO C 73 5.57 4.57 -10.78
C PRO C 73 5.65 5.54 -9.62
N PHE C 74 6.02 5.06 -8.45
CA PHE C 74 6.14 5.87 -7.25
C PHE C 74 7.55 6.48 -7.18
N GLU C 75 7.63 7.61 -6.47
CA GLU C 75 8.87 8.35 -6.23
C GLU C 75 9.03 8.68 -4.76
N LEU C 76 10.28 8.77 -4.31
CA LEU C 76 10.59 9.19 -2.95
C LEU C 76 10.11 10.60 -2.68
N VAL C 77 9.42 10.78 -1.54
CA VAL C 77 9.12 12.10 -1.00
C VAL C 77 10.23 12.49 -0.05
N ARG C 78 10.41 11.70 1.01
CA ARG C 78 11.57 11.87 1.88
C ARG C 78 11.73 10.72 2.87
N ASP C 79 12.91 10.72 3.50
CA ASP C 79 13.24 9.87 4.62
C ASP C 79 13.09 10.70 5.88
N TYR C 80 12.65 10.06 6.96
CA TYR C 80 12.34 10.73 8.22
C TYR C 80 13.26 10.18 9.33
N CYS C 81 12.74 9.44 10.29
CA CYS C 81 13.52 9.09 11.49
C CYS C 81 14.47 7.92 11.21
N PRO C 82 15.75 8.05 11.53
CA PRO C 82 16.68 6.92 11.41
C PRO C 82 16.38 5.81 12.41
N VAL C 83 16.68 4.57 12.01
CA VAL C 83 16.50 3.37 12.83
C VAL C 83 17.83 2.66 12.95
N VAL C 84 18.20 2.28 14.17
CA VAL C 84 19.45 1.56 14.42
C VAL C 84 19.22 0.25 15.17
N GLU C 85 20.09 -0.74 14.93
CA GLU C 85 20.07 -2.01 15.65
C GLU C 85 20.63 -1.77 17.03
N SER C 86 20.00 -2.35 18.05
CA SER C 86 20.22 -1.96 19.46
C SER C 86 21.60 -2.25 20.09
N HIS C 87 22.43 -3.14 19.54
CA HIS C 87 23.80 -3.34 20.08
C HIS C 87 24.90 -2.90 19.15
N THR C 88 24.78 -3.25 17.87
CA THR C 88 25.80 -2.91 16.87
C THR C 88 25.75 -1.41 16.56
N GLY C 89 24.57 -0.82 16.67
CA GLY C 89 24.36 0.58 16.33
C GLY C 89 24.21 0.80 14.83
N ARG C 90 24.19 -0.28 14.05
CA ARG C 90 24.12 -0.23 12.59
C ARG C 90 22.82 0.44 12.19
N THR C 91 22.90 1.40 11.29
CA THR C 91 21.69 2.02 10.72
C THR C 91 21.02 1.05 9.77
N LEU C 92 19.71 0.92 9.90
CA LEU C 92 18.91 0.07 9.05
C LEU C 92 18.51 0.83 7.77
N ASP C 93 18.94 0.34 6.60
CA ASP C 93 18.63 0.90 5.31
CA ASP C 93 18.61 1.03 5.34
C ASP C 93 17.20 0.40 5.05
C ASP C 93 17.34 0.52 4.62
N LEU C 94 16.34 1.30 4.59
N LEU C 94 16.30 1.33 4.71
CA LEU C 94 14.94 0.94 4.34
C LEU C 94 14.52 1.46 2.97
N ARG C 95 13.65 0.68 2.32
CA ARG C 95 13.07 1.08 1.02
C ARG C 95 11.66 0.52 0.88
N ILE C 96 10.70 1.41 0.64
CA ILE C 96 9.35 1.01 0.26
C ILE C 96 9.37 0.50 -1.18
N ILE C 97 8.63 -0.57 -1.44
CA ILE C 97 8.49 -1.17 -2.80
C ILE C 97 6.99 -1.29 -3.13
N PRO C 98 6.44 -0.24 -3.74
CA PRO C 98 5.01 -0.15 -4.01
C PRO C 98 4.66 -0.31 -5.50
N ARG C 99 3.40 -0.65 -5.75
CA ARG C 99 2.89 -0.72 -7.13
C ARG C 99 1.38 -0.64 -7.12
N ILE C 100 0.81 -0.07 -8.18
CA ILE C 100 -0.61 -0.08 -8.44
C ILE C 100 -0.87 -1.13 -9.54
N ASP C 101 -1.84 -2.00 -9.31
CA ASP C 101 -2.13 -3.13 -10.19
C ASP C 101 -3.52 -3.10 -10.85
N ARG C 102 -4.32 -2.08 -10.56
CA ARG C 102 -5.68 -1.92 -11.11
C ARG C 102 -6.09 -0.48 -10.91
N GLY C 103 -6.86 0.04 -11.85
CA GLY C 103 -7.56 1.31 -11.65
C GLY C 103 -7.06 2.53 -12.36
N PHE C 104 -5.85 2.47 -12.93
CA PHE C 104 -5.22 3.63 -13.56
C PHE C 104 -4.65 3.31 -14.95
N ASP C 105 -4.98 4.15 -15.93
CA ASP C 105 -4.51 4.04 -17.30
C ASP C 105 -3.62 5.21 -17.66
N HIS C 106 -2.62 4.96 -18.48
CA HIS C 106 -1.75 5.99 -19.00
C HIS C 106 -2.36 6.42 -20.34
N ILE C 107 -3.00 7.59 -20.35
CA ILE C 107 -3.68 8.11 -21.54
C ILE C 107 -3.12 9.49 -21.86
N ASP C 108 -2.56 9.63 -23.06
CA ASP C 108 -1.80 10.84 -23.49
C ASP C 108 -1.14 11.61 -22.37
N GLU C 109 -0.13 10.96 -21.80
CA GLU C 109 0.79 11.56 -20.83
C GLU C 109 0.15 11.88 -19.48
N GLU C 110 -1.07 11.42 -19.25
CA GLU C 110 -1.71 11.56 -17.94
C GLU C 110 -2.01 10.19 -17.37
N TRP C 111 -2.04 10.09 -16.05
CA TRP C 111 -2.49 8.87 -15.38
C TRP C 111 -3.91 9.09 -14.91
N VAL C 112 -4.83 8.25 -15.39
CA VAL C 112 -6.26 8.50 -15.26
C VAL C 112 -6.99 7.35 -14.55
N GLY C 113 -7.69 7.68 -13.47
CA GLY C 113 -8.56 6.79 -12.75
C GLY C 113 -10.02 7.21 -12.84
N TYR C 114 -10.93 6.36 -12.36
CA TYR C 114 -12.38 6.62 -12.38
C TYR C 114 -12.92 6.55 -10.96
N LYS C 115 -13.63 7.60 -10.55
CA LYS C 115 -14.22 7.68 -9.24
C LYS C 115 -15.02 6.43 -8.86
N ARG C 116 -15.81 5.92 -9.80
CA ARG C 116 -16.72 4.80 -9.53
C ARG C 116 -16.08 3.42 -9.47
N ASN C 117 -14.80 3.32 -9.81
CA ASN C 117 -14.17 2.01 -10.00
C ASN C 117 -13.08 1.72 -9.00
N TYR C 118 -12.78 0.44 -8.82
CA TYR C 118 -11.76 0.02 -7.89
C TYR C 118 -10.34 0.26 -8.39
N PHE C 119 -9.46 0.63 -7.46
CA PHE C 119 -8.02 0.50 -7.66
C PHE C 119 -7.40 -0.42 -6.63
N THR C 120 -6.24 -0.94 -7.00
CA THR C 120 -5.44 -1.81 -6.14
C THR C 120 -4.06 -1.19 -5.96
N LEU C 121 -3.64 -1.02 -4.71
CA LEU C 121 -2.29 -0.55 -4.34
C LEU C 121 -1.66 -1.58 -3.41
N VAL C 122 -0.52 -2.12 -3.81
CA VAL C 122 0.22 -3.09 -3.01
C VAL C 122 1.60 -2.52 -2.62
N SER C 123 2.12 -2.96 -1.47
CA SER C 123 3.46 -2.52 -1.09
C SER C 123 4.11 -3.50 -0.13
N THR C 124 5.42 -3.64 -0.28
CA THR C 124 6.26 -4.22 0.75
C THR C 124 7.31 -3.20 1.17
N PHE C 125 8.24 -3.61 2.03
CA PHE C 125 9.48 -2.88 2.21
C PHE C 125 10.63 -3.82 2.32
N GLU C 126 11.82 -3.31 2.04
CA GLU C 126 13.05 -4.10 2.20
C GLU C 126 14.10 -3.38 3.03
N THR C 127 14.95 -4.23 3.60
CA THR C 127 16.08 -3.80 4.40
C THR C 127 17.32 -4.32 3.72
N ALA C 128 17.98 -3.45 2.96
CA ALA C 128 19.12 -3.82 2.11
C ALA C 128 20.24 -4.53 2.86
N ASN C 129 20.46 -4.11 4.10
CA ASN C 129 21.60 -4.57 4.89
C ASN C 129 21.28 -5.60 5.99
N CYS C 130 20.09 -6.20 5.94
CA CYS C 130 19.65 -7.15 6.96
C CYS C 130 18.76 -8.22 6.36
N ASP C 131 19.16 -9.49 6.43
CA ASP C 131 18.31 -10.57 5.94
C ASP C 131 17.18 -10.78 6.93
N LEU C 132 16.05 -11.29 6.45
CA LEU C 132 14.83 -11.38 7.26
C LEU C 132 15.01 -12.18 8.53
N ASP C 133 15.65 -13.32 8.42
CA ASP C 133 15.78 -14.21 9.55
C ASP C 133 16.53 -13.53 10.72
N THR C 134 17.60 -12.79 10.40
CA THR C 134 18.35 -12.00 11.37
C THR C 134 17.55 -10.82 11.94
N PHE C 135 16.95 -10.05 11.04
CA PHE C 135 16.08 -8.92 11.36
C PHE C 135 15.05 -9.29 12.45
N LEU C 136 14.39 -10.43 12.29
CA LEU C 136 13.32 -10.82 13.19
C LEU C 136 13.81 -11.17 14.61
N LYS C 137 15.07 -11.62 14.73
CA LYS C 137 15.67 -11.95 16.02
C LYS C 137 16.30 -10.76 16.76
N SER C 138 16.49 -9.65 16.03
CA SER C 138 17.15 -8.44 16.52
C SER C 138 16.17 -7.50 17.19
N SER C 139 16.68 -6.38 17.68
CA SER C 139 15.83 -5.31 18.19
C SER C 139 16.36 -3.98 17.68
N PHE C 140 15.47 -3.01 17.55
CA PHE C 140 15.77 -1.76 16.85
C PHE C 140 15.23 -0.55 17.60
N ASP C 141 15.98 0.53 17.56
CA ASP C 141 15.63 1.79 18.20
C ASP C 141 15.55 2.91 17.16
N LEU C 142 14.69 3.89 17.44
CA LEU C 142 14.66 5.15 16.71
C LEU C 142 15.72 6.06 17.29
N LEU C 143 16.49 6.69 16.41
CA LEU C 143 17.45 7.71 16.80
C LEU C 143 16.77 9.08 16.75
N VAL C 144 16.33 9.58 17.89
CA VAL C 144 15.71 10.90 18.01
C VAL C 144 16.55 11.82 18.90
N GLY C 151 18.12 9.38 23.88
CA GLY C 151 17.13 9.68 22.86
C GLY C 151 16.92 8.47 21.97
N ARG C 152 16.36 7.41 22.55
CA ARG C 152 16.13 6.15 21.84
C ARG C 152 14.81 5.49 22.20
N LEU C 153 13.90 5.44 21.25
CA LEU C 153 12.61 4.79 21.44
C LEU C 153 12.72 3.41 20.82
N ARG C 154 12.28 2.38 21.54
CA ARG C 154 12.30 1.01 21.00
C ARG C 154 11.17 0.81 20.01
N VAL C 155 11.53 0.29 18.84
CA VAL C 155 10.54 -0.06 17.82
C VAL C 155 9.81 -1.33 18.24
N GLN C 156 8.46 -1.28 18.30
CA GLN C 156 7.66 -2.46 18.53
C GLN C 156 7.46 -3.27 17.24
N TYR C 157 7.15 -2.58 16.16
CA TYR C 157 6.95 -3.19 14.86
C TYR C 157 6.96 -2.16 13.75
N PHE C 158 7.12 -2.62 12.52
CA PHE C 158 7.08 -1.78 11.32
C PHE C 158 5.73 -1.94 10.64
N ALA C 159 5.27 -0.88 10.00
CA ALA C 159 3.94 -0.90 9.40
C ALA C 159 3.85 0.08 8.24
N ILE C 160 2.90 -0.15 7.34
CA ILE C 160 2.59 0.78 6.26
C ILE C 160 1.21 1.37 6.41
N LYS C 161 1.06 2.63 6.00
CA LYS C 161 -0.26 3.20 5.73
C LYS C 161 -0.26 3.89 4.37
N ILE C 162 -1.44 4.04 3.80
CA ILE C 162 -1.60 4.82 2.60
C ILE C 162 -2.51 6.04 2.81
N LYS C 163 -2.29 7.05 1.98
CA LYS C 163 -3.13 8.26 1.98
C LYS C 163 -3.32 8.74 0.56
N ALA C 164 -4.39 9.48 0.35
CA ALA C 164 -4.58 10.26 -0.88
C ALA C 164 -4.50 11.74 -0.53
N LYS C 165 -3.91 12.49 -1.44
CA LYS C 165 -3.79 13.94 -1.30
C LYS C 165 -4.14 14.67 -2.57
N ASN C 166 -4.54 15.93 -2.42
CA ASN C 166 -4.52 16.88 -3.51
C ASN C 166 -3.07 17.30 -3.73
N ASP C 167 -2.51 16.96 -4.89
CA ASP C 167 -1.09 17.14 -5.13
C ASP C 167 -0.68 18.60 -5.27
N ASP C 168 -1.65 19.49 -5.52
CA ASP C 168 -1.35 20.92 -5.66
C ASP C 168 -1.31 21.67 -4.32
N ASP C 169 -2.07 21.23 -3.31
CA ASP C 169 -2.06 21.94 -2.02
C ASP C 169 -1.80 21.10 -0.77
N ASP C 170 -1.56 19.80 -0.92
CA ASP C 170 -1.27 18.89 0.18
C ASP C 170 -2.46 18.55 1.10
N THR C 171 -3.68 18.96 0.72
CA THR C 171 -4.88 18.59 1.46
C THR C 171 -5.14 17.08 1.38
N GLU C 172 -5.44 16.44 2.50
CA GLU C 172 -5.73 15.01 2.49
C GLU C 172 -7.16 14.74 2.02
N ILE C 173 -7.30 13.70 1.22
CA ILE C 173 -8.54 13.24 0.63
C ILE C 173 -8.86 11.84 1.17
N ASN C 174 -10.10 11.63 1.59
CA ASN C 174 -10.49 10.34 2.14
C ASN C 174 -10.52 9.23 1.09
N LEU C 175 -10.03 8.06 1.49
CA LEU C 175 -10.15 6.81 0.75
C LEU C 175 -11.15 5.88 1.45
N VAL C 176 -11.79 5.03 0.65
CA VAL C 176 -12.70 4.03 1.17
C VAL C 176 -12.38 2.69 0.49
N GLN C 177 -12.66 1.60 1.21
CA GLN C 177 -12.55 0.26 0.68
C GLN C 177 -13.85 -0.50 0.89
N HIS C 178 -14.12 -1.44 -0.01
CA HIS C 178 -15.20 -2.39 0.18
C HIS C 178 -14.63 -3.80 0.29
N THR C 179 -15.45 -4.73 0.75
CA THR C 179 -15.22 -6.16 0.55
C THR C 179 -15.72 -6.57 -0.84
N ALA C 180 -15.44 -7.81 -1.23
CA ALA C 180 -15.94 -8.33 -2.49
C ALA C 180 -17.46 -8.24 -2.61
N LYS C 181 -18.16 -8.26 -1.48
CA LYS C 181 -19.61 -8.15 -1.50
C LYS C 181 -20.10 -6.73 -1.79
N ARG C 182 -19.18 -5.76 -1.81
CA ARG C 182 -19.48 -4.37 -2.16
C ARG C 182 -20.64 -3.80 -1.31
N ASP C 183 -21.78 -3.47 -1.92
CA ASP C 183 -22.90 -2.83 -1.19
C ASP C 183 -23.58 -3.76 -0.19
N LYS C 184 -23.37 -5.07 -0.34
CA LYS C 184 -23.90 -6.06 0.59
C LYS C 184 -22.92 -6.42 1.71
N GLY C 185 -21.83 -5.66 1.80
CA GLY C 185 -20.88 -5.78 2.91
C GLY C 185 -20.53 -4.40 3.45
N PRO C 186 -19.63 -4.35 4.43
CA PRO C 186 -19.24 -3.08 5.04
C PRO C 186 -18.29 -2.24 4.17
N GLN C 187 -18.27 -0.93 4.42
CA GLN C 187 -17.27 -0.02 3.89
C GLN C 187 -16.34 0.34 5.01
N PHE C 188 -15.07 0.55 4.69
CA PHE C 188 -14.06 0.86 5.71
C PHE C 188 -12.94 1.72 5.13
N CYS C 189 -12.22 2.41 5.98
CA CYS C 189 -11.08 3.24 5.55
C CYS C 189 -9.85 2.35 5.59
N PRO C 190 -8.89 2.56 4.67
CA PRO C 190 -7.64 1.78 4.74
C PRO C 190 -7.03 1.84 6.13
N SER C 191 -6.53 0.70 6.57
CA SER C 191 -5.90 0.60 7.89
C SER C 191 -4.37 0.50 7.81
N VAL C 192 -3.74 0.75 8.95
CA VAL C 192 -2.31 0.57 9.11
C VAL C 192 -2.03 -0.93 9.11
N CYS C 193 -1.03 -1.33 8.33
CA CYS C 193 -0.74 -2.74 8.12
C CYS C 193 0.63 -3.07 8.68
N PRO C 194 0.71 -3.79 9.80
CA PRO C 194 2.01 -4.31 10.26
C PRO C 194 2.61 -5.20 9.17
N LEU C 195 3.90 -5.07 8.94
CA LEU C 195 4.54 -5.87 7.90
C LEU C 195 5.98 -6.19 8.27
N VAL C 196 6.47 -7.33 7.77
CA VAL C 196 7.89 -7.69 7.80
C VAL C 196 8.44 -7.57 6.39
N PRO C 197 9.75 -7.33 6.23
CA PRO C 197 10.32 -7.12 4.89
C PRO C 197 10.16 -8.32 3.96
N SER C 198 9.89 -8.02 2.69
CA SER C 198 9.61 -9.02 1.68
C SER C 198 9.80 -8.44 0.29
N PRO C 199 10.16 -9.25 -0.71
CA PRO C 199 10.05 -8.76 -2.08
C PRO C 199 8.58 -8.55 -2.45
N LEU C 200 8.34 -7.62 -3.35
CA LEU C 200 7.00 -7.39 -3.86
C LEU C 200 6.62 -8.46 -4.88
N PRO C 201 5.48 -9.13 -4.69
CA PRO C 201 5.02 -10.10 -5.70
C PRO C 201 4.84 -9.48 -7.07
N LYS C 202 5.07 -10.28 -8.11
CA LYS C 202 4.82 -9.90 -9.49
C LYS C 202 3.34 -9.50 -9.71
N HIS C 203 3.11 -8.68 -10.73
CA HIS C 203 1.78 -8.30 -11.12
C HIS C 203 0.86 -9.52 -11.33
N GLN C 204 1.38 -10.55 -12.01
CA GLN C 204 0.59 -11.77 -12.25
C GLN C 204 0.13 -12.42 -10.96
N THR C 205 0.97 -12.42 -9.93
CA THR C 205 0.60 -13.01 -8.65
C THR C 205 -0.50 -12.24 -7.94
N ILE C 206 -0.41 -10.91 -7.93
CA ILE C 206 -1.48 -10.11 -7.37
C ILE C 206 -2.81 -10.35 -8.10
N ARG C 207 -2.76 -10.40 -9.43
CA ARG C 207 -3.90 -10.68 -10.27
C ARG C 207 -4.54 -12.02 -9.90
N GLU C 208 -3.72 -13.06 -9.82
CA GLU C 208 -4.19 -14.42 -9.53
C GLU C 208 -4.80 -14.60 -8.15
N ALA C 209 -4.29 -13.85 -7.17
CA ALA C 209 -4.73 -13.99 -5.80
C ALA C 209 -5.91 -13.06 -5.45
N SER C 210 -6.38 -12.26 -6.41
CA SER C 210 -7.36 -11.21 -6.12
C SER C 210 -8.72 -11.67 -5.60
N ASN C 211 -9.19 -12.84 -6.03
CA ASN C 211 -10.52 -13.33 -5.66
C ASN C 211 -10.52 -14.83 -5.42
N VAL C 212 -9.55 -15.28 -4.63
CA VAL C 212 -9.43 -16.69 -4.25
C VAL C 212 -10.20 -16.96 -2.97
N ARG C 213 -11.08 -17.95 -3.02
CA ARG C 213 -11.79 -18.48 -1.86
C ARG C 213 -11.40 -19.93 -1.58
N ASN C 214 -11.28 -20.73 -2.64
CA ASN C 214 -10.94 -22.15 -2.53
C ASN C 214 -9.74 -22.42 -1.63
N ILE C 215 -9.91 -23.36 -0.70
CA ILE C 215 -8.93 -23.58 0.36
C ILE C 215 -7.58 -24.07 -0.16
N THR C 216 -7.61 -24.96 -1.14
CA THR C 216 -6.38 -25.48 -1.71
C THR C 216 -5.56 -24.38 -2.37
N LYS C 217 -6.25 -23.49 -3.08
CA LYS C 217 -5.59 -22.39 -3.77
C LYS C 217 -5.04 -21.37 -2.77
N MET C 218 -5.79 -21.10 -1.72
CA MET C 218 -5.32 -20.20 -0.66
C MET C 218 -4.00 -20.70 -0.06
N LYS C 219 -3.87 -22.02 0.11
CA LYS C 219 -2.66 -22.60 0.68
C LYS C 219 -1.45 -22.33 -0.20
N LYS C 220 -1.69 -22.36 -1.51
CA LYS C 220 -0.66 -22.06 -2.49
C LYS C 220 -0.04 -20.68 -2.30
N TYR C 221 -0.85 -19.71 -1.90
CA TYR C 221 -0.40 -18.31 -1.79
C TYR C 221 0.00 -17.88 -0.38
N ASP C 222 -0.26 -18.74 0.61
CA ASP C 222 -0.09 -18.35 2.01
C ASP C 222 1.29 -17.84 2.33
N SER C 223 2.31 -18.55 1.86
CA SER C 223 3.69 -18.22 2.22
C SER C 223 4.14 -16.92 1.55
N THR C 224 3.47 -16.54 0.48
CA THR C 224 3.76 -15.29 -0.22
C THR C 224 3.25 -14.09 0.59
N PHE C 225 2.11 -14.24 1.25
CA PHE C 225 1.42 -13.10 1.86
C PHE C 225 1.51 -13.01 3.38
N TYR C 226 1.84 -14.11 4.04
CA TYR C 226 1.81 -14.17 5.51
C TYR C 226 3.02 -14.87 6.12
N LEU C 227 3.41 -14.38 7.28
CA LEU C 227 4.29 -15.07 8.23
C LEU C 227 3.44 -15.43 9.44
N HIS C 228 3.40 -16.70 9.81
CA HIS C 228 2.65 -17.16 10.98
C HIS C 228 3.59 -17.38 12.15
N ARG C 229 3.64 -16.38 13.03
CA ARG C 229 4.58 -16.39 14.15
C ARG C 229 4.37 -17.60 15.05
N ASP C 230 3.12 -18.03 15.18
CA ASP C 230 2.81 -19.18 16.00
C ASP C 230 3.42 -20.49 15.50
N HIS C 231 3.96 -20.50 14.27
CA HIS C 231 4.60 -21.68 13.73
C HIS C 231 6.14 -21.68 13.80
N VAL C 232 6.74 -20.62 14.35
CA VAL C 232 8.20 -20.62 14.51
C VAL C 232 8.61 -21.35 15.78
N ASN C 233 9.90 -21.69 15.87
CA ASN C 233 10.44 -22.29 17.08
C ASN C 233 10.72 -21.16 18.09
N TYR C 234 9.86 -21.03 19.10
CA TYR C 234 9.97 -19.93 20.07
C TYR C 234 11.30 -19.94 20.81
N GLU C 235 11.91 -21.11 20.98
CA GLU C 235 13.18 -21.21 21.70
C GLU C 235 14.33 -20.51 20.99
N GLU C 236 14.19 -20.25 19.69
CA GLU C 236 15.23 -19.53 18.92
C GLU C 236 15.23 -18.01 19.15
N TYR C 237 14.24 -17.49 19.90
CA TYR C 237 14.00 -16.06 20.00
C TYR C 237 14.12 -15.54 21.43
N GLY C 238 14.72 -14.38 21.57
CA GLY C 238 14.72 -13.68 22.86
C GLY C 238 13.42 -12.94 23.08
N VAL C 239 13.12 -12.68 24.37
CA VAL C 239 11.91 -12.00 24.77
C VAL C 239 11.77 -10.61 24.12
N ASP C 240 12.92 -9.98 23.91
CA ASP C 240 13.03 -8.63 23.34
C ASP C 240 13.03 -8.58 21.81
N SER C 241 12.98 -9.74 21.16
CA SER C 241 13.10 -9.80 19.71
C SER C 241 11.96 -9.08 19.00
N LEU C 242 12.29 -8.49 17.86
CA LEU C 242 11.31 -7.73 17.08
C LEU C 242 10.09 -8.59 16.72
N LEU C 243 10.30 -9.83 16.32
CA LEU C 243 9.17 -10.71 15.92
C LEU C 243 8.11 -10.76 17.00
N PHE C 244 8.54 -10.80 18.26
CA PHE C 244 7.60 -10.99 19.37
C PHE C 244 6.99 -9.70 19.94
N SER C 245 7.30 -8.56 19.34
CA SER C 245 6.61 -7.31 19.64
C SER C 245 5.59 -6.90 18.56
N TYR C 246 5.44 -7.71 17.50
CA TYR C 246 4.35 -7.55 16.53
C TYR C 246 3.04 -7.83 17.28
N PRO C 247 1.96 -7.16 16.90
CA PRO C 247 0.72 -7.23 17.68
C PRO C 247 -0.08 -8.52 17.54
N GLU C 248 0.03 -9.21 16.40
CA GLU C 248 -0.70 -10.47 16.17
C GLU C 248 0.22 -11.54 15.60
N ASP C 249 -0.19 -12.78 15.79
CA ASP C 249 0.55 -13.94 15.27
C ASP C 249 0.62 -13.96 13.75
N SER C 250 -0.48 -13.60 13.07
CA SER C 250 -0.50 -13.58 11.62
C SER C 250 0.02 -12.22 11.18
N ILE C 251 1.18 -12.22 10.56
CA ILE C 251 1.87 -11.01 10.13
C ILE C 251 1.94 -10.96 8.61
N GLN C 252 1.45 -9.88 8.03
CA GLN C 252 1.50 -9.75 6.57
C GLN C 252 2.93 -9.48 6.11
N LYS C 253 3.29 -10.08 4.97
CA LYS C 253 4.50 -9.78 4.23
C LYS C 253 4.26 -8.74 3.15
N VAL C 254 3.01 -8.56 2.74
CA VAL C 254 2.62 -7.61 1.69
C VAL C 254 1.40 -6.85 2.17
N ALA C 255 1.42 -5.52 2.05
CA ALA C 255 0.24 -4.69 2.31
C ALA C 255 -0.56 -4.68 1.00
N ARG C 256 -1.78 -5.22 1.03
CA ARG C 256 -2.61 -5.30 -0.18
C ARG C 256 -3.86 -4.52 0.06
N TYR C 257 -3.97 -3.36 -0.58
CA TYR C 257 -5.15 -2.52 -0.50
C TYR C 257 -5.91 -2.69 -1.81
N GLU C 258 -6.96 -3.51 -1.76
CA GLU C 258 -7.75 -3.84 -2.92
C GLU C 258 -9.17 -3.24 -2.76
N ARG C 259 -9.85 -3.03 -3.88
CA ARG C 259 -11.22 -2.53 -3.85
C ARG C 259 -11.27 -1.13 -3.22
N VAL C 260 -10.25 -0.33 -3.54
CA VAL C 260 -10.11 1.02 -2.99
C VAL C 260 -10.75 2.03 -3.94
N GLN C 261 -11.36 3.07 -3.38
CA GLN C 261 -11.84 4.21 -4.15
C GLN C 261 -11.55 5.50 -3.40
N PHE C 262 -11.48 6.60 -4.14
CA PHE C 262 -11.58 7.94 -3.55
C PHE C 262 -13.00 8.10 -2.99
N ALA C 263 -13.11 8.83 -1.89
CA ALA C 263 -14.42 9.07 -1.26
C ALA C 263 -15.41 9.60 -2.27
N SER C 264 -16.67 9.21 -2.13
CA SER C 264 -17.70 9.51 -3.12
C SER C 264 -17.96 11.01 -3.24
N SER C 265 -17.57 11.77 -2.22
CA SER C 265 -17.81 13.21 -2.19
C SER C 265 -16.71 14.05 -2.82
N ILE C 266 -15.65 13.42 -3.35
CA ILE C 266 -14.53 14.19 -3.89
C ILE C 266 -14.97 14.98 -5.11
N SER C 267 -14.53 16.24 -5.17
CA SER C 267 -14.71 17.07 -6.35
C SER C 267 -13.50 16.84 -7.24
N VAL C 268 -13.73 16.41 -8.47
CA VAL C 268 -12.64 16.02 -9.39
C VAL C 268 -12.15 17.16 -10.28
N LYS C 269 -12.89 18.26 -10.30
CA LYS C 269 -12.50 19.43 -11.07
C LYS C 269 -12.35 20.65 -10.16
N LYS C 270 -11.46 21.54 -10.54
CA LYS C 270 -11.29 22.84 -9.92
C LYS C 270 -12.41 23.78 -10.41
N PRO C 271 -12.66 24.89 -9.71
CA PRO C 271 -13.62 25.89 -10.22
C PRO C 271 -13.40 26.38 -11.67
N SER C 272 -12.13 26.41 -12.12
CA SER C 272 -11.80 26.78 -13.50
C SER C 272 -12.21 25.75 -14.56
N GLN C 273 -12.69 24.59 -14.07
CA GLN C 273 -13.02 23.38 -14.84
C GLN C 273 -11.79 22.55 -15.25
N GLN C 274 -10.60 23.01 -14.86
CA GLN C 274 -9.40 22.19 -14.98
C GLN C 274 -9.52 20.98 -14.05
N ASN C 275 -8.92 19.86 -14.44
CA ASN C 275 -8.90 18.70 -13.57
C ASN C 275 -8.05 18.97 -12.34
N LYS C 276 -8.54 18.51 -11.18
CA LYS C 276 -7.72 18.47 -10.00
C LYS C 276 -6.66 17.41 -10.20
N HIS C 277 -5.55 17.58 -9.51
CA HIS C 277 -4.47 16.62 -9.51
C HIS C 277 -4.39 15.97 -8.14
N PHE C 278 -4.45 14.64 -8.11
CA PHE C 278 -4.36 13.87 -6.88
C PHE C 278 -3.06 13.06 -6.86
N SER C 279 -2.67 12.57 -5.69
CA SER C 279 -1.54 11.68 -5.59
C SER C 279 -1.78 10.66 -4.48
N LEU C 280 -1.34 9.43 -4.71
CA LEU C 280 -1.41 8.36 -3.71
C LEU C 280 -0.05 8.21 -3.04
N HIS C 281 -0.07 8.21 -1.71
CA HIS C 281 1.13 8.15 -0.88
C HIS C 281 1.19 6.84 -0.09
N VAL C 282 2.40 6.33 0.06
CA VAL C 282 2.71 5.17 0.89
C VAL C 282 3.71 5.60 1.94
N ILE C 283 3.41 5.35 3.21
CA ILE C 283 4.27 5.75 4.33
C ILE C 283 4.64 4.50 5.12
N LEU C 284 5.93 4.32 5.32
CA LEU C 284 6.49 3.31 6.21
C LEU C 284 6.79 3.96 7.55
N GLY C 285 6.31 3.31 8.62
CA GLY C 285 6.48 3.81 9.98
C GLY C 285 6.96 2.76 10.96
N ALA C 286 7.44 3.25 12.10
CA ALA C 286 7.78 2.38 13.24
C ALA C 286 6.77 2.70 14.33
N VAL C 287 6.13 1.68 14.88
CA VAL C 287 5.17 1.88 15.96
C VAL C 287 5.91 1.76 17.30
N VAL C 288 5.73 2.76 18.16
CA VAL C 288 6.42 2.83 19.45
C VAL C 288 5.41 3.11 20.57
N ASP C 289 5.80 2.76 21.79
CA ASP C 289 5.01 3.03 22.98
C ASP C 289 5.03 4.53 23.29
N PRO C 290 3.87 5.13 23.53
CA PRO C 290 3.74 6.58 23.67
C PRO C 290 4.41 7.17 24.92
N ASP C 291 4.55 6.39 25.98
CA ASP C 291 5.08 6.92 27.25
C ASP C 291 6.58 7.14 27.20
N GLY C 299 9.72 15.68 18.60
CA GLY C 299 9.31 16.72 17.67
C GLY C 299 9.56 16.35 16.21
N ILE C 300 9.22 15.12 15.88
CA ILE C 300 9.40 14.56 14.53
C ILE C 300 8.06 14.02 14.03
N PRO C 301 7.88 13.89 12.73
CA PRO C 301 6.57 13.48 12.19
C PRO C 301 6.05 12.11 12.64
N TYR C 302 4.80 12.09 13.09
CA TYR C 302 4.14 10.88 13.55
C TYR C 302 2.64 11.05 13.53
N ASP C 303 1.93 9.92 13.45
CA ASP C 303 0.49 9.87 13.69
C ASP C 303 0.18 9.04 14.91
N GLU C 304 -0.87 9.41 15.65
CA GLU C 304 -1.34 8.56 16.74
C GLU C 304 -2.01 7.30 16.17
N LEU C 305 -1.92 6.21 16.92
CA LEU C 305 -2.40 4.92 16.46
C LEU C 305 -3.15 4.19 17.59
N ALA C 306 -4.34 3.69 17.29
CA ALA C 306 -5.08 2.84 18.23
C ALA C 306 -4.31 1.53 18.46
N LEU C 307 -3.60 1.45 19.58
CA LEU C 307 -2.76 0.29 19.90
C LEU C 307 -3.58 -0.92 20.33
N LYS C 308 -2.91 -2.07 20.44
CA LYS C 308 -3.57 -3.35 20.74
C LYS C 308 -4.07 -3.43 22.18
N ASN C 309 -3.20 -3.08 23.12
CA ASN C 309 -3.55 -3.12 24.55
C ASN C 309 -4.47 -1.98 25.02
N GLY C 310 -4.99 -1.19 24.09
CA GLY C 310 -5.98 -0.16 24.40
C GLY C 310 -5.42 1.24 24.43
N SER C 311 -4.17 1.39 24.87
CA SER C 311 -3.50 2.68 24.92
C SER C 311 -3.26 3.22 23.51
N LYS C 312 -2.81 4.47 23.42
CA LYS C 312 -2.61 5.13 22.15
C LYS C 312 -1.13 5.39 21.90
N GLY C 313 -0.55 4.63 20.97
CA GLY C 313 0.86 4.74 20.64
C GLY C 313 1.14 5.66 19.47
N MET C 314 2.34 5.55 18.90
CA MET C 314 2.78 6.49 17.87
C MET C 314 3.30 5.71 16.69
N PHE C 315 2.79 6.05 15.51
CA PHE C 315 3.31 5.58 14.23
C PHE C 315 4.29 6.65 13.76
N VAL C 316 5.59 6.41 13.99
CA VAL C 316 6.63 7.37 13.68
C VAL C 316 7.08 7.21 12.24
N TYR C 317 7.05 8.28 11.46
CA TYR C 317 7.35 8.19 10.04
C TYR C 317 8.82 7.83 9.83
N LEU C 318 9.09 6.90 8.90
CA LEU C 318 10.43 6.53 8.48
C LEU C 318 10.74 6.89 7.04
N GLN C 319 9.79 6.65 6.13
CA GLN C 319 9.96 6.95 4.70
C GLN C 319 8.58 7.14 4.06
N GLU C 320 8.50 7.96 3.02
CA GLU C 320 7.27 8.20 2.27
C GLU C 320 7.56 8.26 0.78
N MET C 321 6.71 7.62 -0.02
CA MET C 321 6.73 7.66 -1.49
C MET C 321 5.35 8.12 -1.98
N LYS C 322 5.30 8.65 -3.19
CA LYS C 322 4.02 9.10 -3.79
C LYS C 322 4.01 8.89 -5.29
N THR C 323 2.84 8.90 -5.88
CA THR C 323 2.72 8.87 -7.33
C THR C 323 2.87 10.27 -7.93
N PRO C 324 3.15 10.31 -9.23
CA PRO C 324 2.97 11.56 -9.98
C PRO C 324 1.50 11.96 -9.94
N PRO C 325 1.19 13.16 -10.46
CA PRO C 325 -0.19 13.61 -10.49
C PRO C 325 -1.14 12.68 -11.22
N LEU C 326 -2.32 12.50 -10.62
CA LEU C 326 -3.39 11.65 -11.09
C LEU C 326 -4.63 12.48 -11.41
N ILE C 327 -5.29 12.15 -12.51
CA ILE C 327 -6.61 12.68 -12.89
C ILE C 327 -7.67 11.66 -12.49
N ILE C 328 -8.76 12.10 -11.90
CA ILE C 328 -9.88 11.21 -11.59
C ILE C 328 -11.13 11.66 -12.34
N ARG C 329 -11.69 10.77 -13.14
CA ARG C 329 -12.91 11.06 -13.88
C ARG C 329 -14.14 10.73 -13.05
N GLY C 330 -15.03 11.70 -13.00
CA GLY C 330 -16.23 11.58 -12.20
C GLY C 330 -17.35 10.86 -12.92
N ARG C 331 -18.54 11.01 -12.35
CA ARG C 331 -19.72 10.25 -12.77
C ARG C 331 -20.41 10.79 -14.02
N SER C 332 -19.93 11.93 -14.53
CA SER C 332 -20.54 12.54 -15.72
C SER C 332 -20.69 11.53 -16.85
N PRO C 333 -21.78 11.62 -17.60
CA PRO C 333 -22.02 10.68 -18.70
C PRO C 333 -20.97 10.78 -19.80
N SER C 334 -20.40 11.97 -19.97
CA SER C 334 -19.36 12.23 -20.95
C SER C 334 -18.05 11.51 -20.65
N ASN C 335 -17.91 10.94 -19.46
CA ASN C 335 -16.75 10.12 -19.15
C ASN C 335 -16.86 8.66 -19.60
N TYR C 336 -17.95 8.32 -20.27
CA TYR C 336 -18.23 6.94 -20.66
C TYR C 336 -18.58 6.79 -22.14
N ALA C 337 -18.19 5.66 -22.72
CA ALA C 337 -18.41 5.38 -24.14
C ALA C 337 -19.89 5.29 -24.49
N SER C 338 -20.72 5.00 -23.49
CA SER C 338 -22.17 4.94 -23.69
C SER C 338 -22.75 6.26 -24.15
N SER C 339 -22.11 7.38 -23.81
CA SER C 339 -22.56 8.70 -24.28
C SER C 339 -22.36 8.91 -25.78
N GLN C 340 -21.41 8.18 -26.37
CA GLN C 340 -21.08 8.29 -27.79
C GLN C 340 -21.87 7.29 -28.64
#